data_9G8I
#
_entry.id   9G8I
#
_cell.length_a   42.972
_cell.length_b   94.747
_cell.length_c   120.957
_cell.angle_alpha   90.00
_cell.angle_beta   90.00
_cell.angle_gamma   90.00
#
_symmetry.space_group_name_H-M   'P 21 21 21'
#
loop_
_entity.id
_entity.type
_entity.pdbx_description
1 polymer DARPin
2 polymer 'Ubiquitin-like protein SMT3'
3 water water
#
loop_
_entity_poly.entity_id
_entity_poly.type
_entity_poly.pdbx_seq_one_letter_code
_entity_poly.pdbx_strand_id
1 'polypeptide(L)'
;DLGKKLLEAARAGQDDEVRILMANGADVNAEDLRGFTPLHLAANSGHLEIVEVLLKTGADVNAQDNYGWTPLHLAAVIGH
LEIVEVLLKHGADVNAKDNFGSTPLHLAARLGHLEIVEVLLKHGADVNAQDKWGETPFDLAIDNGNEDIAEVLQKAA
;
A,B
2 'polypeptide(L)' ETHINLKVSDGSSEIFFKIKKTTPLRRLMEAFAKRQGKEMDSLRFLYDGIRIQADQTPEDLDMEDNDIIEAHREQ C,D
#
# COMPACT_ATOMS: atom_id res chain seq x y z
N ASP A 1 -8.45 28.20 0.64
CA ASP A 1 -7.92 27.07 -0.11
C ASP A 1 -8.40 27.10 -1.56
N LEU A 2 -8.14 28.23 -2.23
CA LEU A 2 -8.54 28.37 -3.62
C LEU A 2 -7.83 27.35 -4.51
N GLY A 3 -6.54 27.12 -4.26
CA GLY A 3 -5.77 26.18 -5.04
C GLY A 3 -6.06 24.73 -4.68
N LYS A 4 -5.95 24.40 -3.39
CA LYS A 4 -6.11 23.02 -2.96
C LYS A 4 -7.49 22.46 -3.32
N LYS A 5 -8.52 23.31 -3.34
CA LYS A 5 -9.84 22.87 -3.76
C LYS A 5 -9.91 22.66 -5.26
N LEU A 6 -9.12 23.41 -6.03
CA LEU A 6 -9.15 23.28 -7.48
C LEU A 6 -8.62 21.90 -7.92
N LEU A 7 -7.50 21.47 -7.34
CA LEU A 7 -6.97 20.15 -7.69
C LEU A 7 -7.91 19.04 -7.26
N GLU A 8 -8.52 19.18 -6.07
CA GLU A 8 -9.48 18.17 -5.61
C GLU A 8 -10.70 18.11 -6.53
N ALA A 9 -11.16 19.27 -7.00
CA ALA A 9 -12.30 19.27 -7.92
C ALA A 9 -11.93 18.72 -9.28
N ALA A 10 -10.69 18.95 -9.73
CA ALA A 10 -10.26 18.43 -11.03
C ALA A 10 -10.32 16.91 -11.06
N ARG A 11 -9.81 16.26 -10.02
CA ARG A 11 -9.99 14.82 -9.88
C ARG A 11 -11.42 14.51 -9.45
N ALA A 12 -11.85 13.29 -9.75
CA ALA A 12 -13.19 12.76 -9.50
C ALA A 12 -14.26 13.44 -10.33
N GLY A 13 -13.92 14.42 -11.17
CA GLY A 13 -14.84 15.00 -12.12
C GLY A 13 -15.92 15.87 -11.51
N GLN A 14 -15.52 16.90 -10.77
CA GLN A 14 -16.46 17.89 -10.22
C GLN A 14 -16.50 19.14 -11.11
N ASP A 15 -16.94 18.94 -12.36
CA ASP A 15 -16.86 19.99 -13.36
C ASP A 15 -17.51 21.29 -12.88
N ASP A 16 -18.67 21.18 -12.24
CA ASP A 16 -19.33 22.37 -11.70
C ASP A 16 -18.45 23.06 -10.67
N GLU A 17 -17.83 22.30 -9.77
CA GLU A 17 -16.98 22.90 -8.74
C GLU A 17 -15.74 23.54 -9.35
N VAL A 18 -15.13 22.88 -10.34
CA VAL A 18 -13.98 23.47 -11.02
C VAL A 18 -14.37 24.80 -11.66
N ARG A 19 -15.51 24.81 -12.34
CA ARG A 19 -16.00 26.06 -12.92
C ARG A 19 -16.21 27.12 -11.85
N ILE A 20 -16.70 26.71 -10.67
CA ILE A 20 -16.94 27.69 -9.60
C ILE A 20 -15.62 28.30 -9.12
N LEU A 21 -14.61 27.46 -8.87
CA LEU A 21 -13.32 28.00 -8.42
C LEU A 21 -12.74 28.94 -9.47
N MET A 22 -12.72 28.50 -10.73
CA MET A 22 -12.07 29.28 -11.77
C MET A 22 -12.84 30.57 -12.07
N ALA A 23 -14.15 30.58 -11.88
CA ALA A 23 -14.93 31.81 -11.97
C ALA A 23 -14.75 32.69 -10.75
N ASN A 24 -14.33 32.13 -9.62
CA ASN A 24 -14.06 32.91 -8.42
C ASN A 24 -12.63 33.41 -8.35
N GLY A 25 -11.82 33.14 -9.37
CA GLY A 25 -10.45 33.63 -9.41
C GLY A 25 -9.37 32.65 -8.99
N ALA A 26 -9.69 31.36 -8.91
CA ALA A 26 -8.70 30.37 -8.50
C ALA A 26 -7.58 30.27 -9.54
N ASP A 27 -6.37 29.99 -9.06
CA ASP A 27 -5.20 29.87 -9.92
C ASP A 27 -5.24 28.51 -10.60
N VAL A 28 -5.50 28.52 -11.92
CA VAL A 28 -5.55 27.28 -12.69
C VAL A 28 -4.19 26.62 -12.84
N ASN A 29 -3.11 27.32 -12.50
CA ASN A 29 -1.76 26.77 -12.54
C ASN A 29 -1.23 26.44 -11.15
N ALA A 30 -2.12 26.22 -10.19
CA ALA A 30 -1.70 25.90 -8.83
C ALA A 30 -0.98 24.55 -8.79
N GLU A 31 -0.12 24.39 -7.78
CA GLU A 31 0.69 23.19 -7.64
C GLU A 31 0.50 22.61 -6.25
N ASP A 32 0.59 21.28 -6.17
CA ASP A 32 0.63 20.59 -4.90
C ASP A 32 2.08 20.25 -4.56
N LEU A 33 2.26 19.51 -3.46
CA LEU A 33 3.62 19.12 -3.06
C LEU A 33 4.24 18.12 -4.02
N ARG A 34 3.44 17.48 -4.87
CA ARG A 34 3.95 16.55 -5.87
C ARG A 34 4.22 17.22 -7.21
N GLY A 35 4.06 18.53 -7.30
CA GLY A 35 4.24 19.23 -8.55
C GLY A 35 3.07 19.14 -9.52
N PHE A 36 1.98 18.53 -9.10
CA PHE A 36 0.83 18.34 -9.99
C PHE A 36 -0.01 19.60 -10.05
N THR A 37 -0.40 19.96 -11.26
CA THR A 37 -1.33 21.05 -11.54
C THR A 37 -2.72 20.49 -11.83
N PRO A 38 -3.77 21.31 -11.70
CA PRO A 38 -5.13 20.79 -11.96
C PRO A 38 -5.29 20.12 -13.31
N LEU A 39 -4.59 20.61 -14.33
CA LEU A 39 -4.62 19.94 -15.63
C LEU A 39 -4.06 18.52 -15.52
N HIS A 40 -3.02 18.33 -14.68
CA HIS A 40 -2.44 17.00 -14.51
C HIS A 40 -3.48 16.01 -14.00
N LEU A 41 -4.15 16.34 -12.90
CA LEU A 41 -5.13 15.41 -12.34
C LEU A 41 -6.35 15.26 -13.23
N ALA A 42 -6.74 16.34 -13.92
CA ALA A 42 -7.85 16.23 -14.86
C ALA A 42 -7.53 15.25 -15.99
N ALA A 43 -6.30 15.31 -16.52
CA ALA A 43 -5.92 14.41 -17.60
C ALA A 43 -5.75 12.98 -17.11
N ASN A 44 -5.09 12.80 -15.97
CA ASN A 44 -4.84 11.45 -15.46
C ASN A 44 -6.11 10.73 -15.04
N SER A 45 -7.18 11.47 -14.73
CA SER A 45 -8.45 10.87 -14.33
C SER A 45 -9.40 10.68 -15.50
N GLY A 46 -8.98 10.99 -16.73
CA GLY A 46 -9.84 10.84 -17.89
C GLY A 46 -11.02 11.78 -17.90
N HIS A 47 -10.83 13.04 -17.53
CA HIS A 47 -11.88 14.03 -17.47
C HIS A 47 -11.67 15.02 -18.62
N LEU A 48 -12.32 14.75 -19.75
CA LEU A 48 -12.06 15.49 -20.97
C LEU A 48 -12.57 16.93 -20.89
N GLU A 49 -13.81 17.11 -20.45
CA GLU A 49 -14.41 18.45 -20.46
C GLU A 49 -13.67 19.39 -19.51
N ILE A 50 -13.28 18.89 -18.34
CA ILE A 50 -12.52 19.70 -17.40
C ILE A 50 -11.16 20.07 -17.97
N VAL A 51 -10.53 19.13 -18.70
CA VAL A 51 -9.27 19.43 -19.37
C VAL A 51 -9.46 20.55 -20.39
N GLU A 52 -10.55 20.48 -21.17
CA GLU A 52 -10.81 21.53 -22.16
C GLU A 52 -11.04 22.87 -21.48
N VAL A 53 -11.77 22.89 -20.36
CA VAL A 53 -12.03 24.13 -19.65
C VAL A 53 -10.73 24.73 -19.14
N LEU A 54 -9.89 23.90 -18.52
CA LEU A 54 -8.62 24.38 -17.99
C LEU A 54 -7.72 24.91 -19.10
N LEU A 55 -7.67 24.20 -20.24
CA LEU A 55 -6.85 24.65 -21.36
C LEU A 55 -7.37 25.96 -21.94
N LYS A 56 -8.69 26.09 -22.06
CA LYS A 56 -9.27 27.32 -22.60
C LYS A 56 -9.03 28.50 -21.68
N THR A 57 -8.98 28.26 -20.37
CA THR A 57 -8.69 29.35 -19.44
C THR A 57 -7.22 29.76 -19.47
N GLY A 58 -6.32 28.83 -19.78
CA GLY A 58 -4.90 29.17 -19.87
C GLY A 58 -3.98 28.34 -19.01
N ALA A 59 -4.39 27.11 -18.71
CA ALA A 59 -3.53 26.19 -17.97
C ALA A 59 -2.29 25.86 -18.79
N ASP A 60 -1.16 25.69 -18.09
CA ASP A 60 0.10 25.32 -18.73
C ASP A 60 -0.01 23.90 -19.27
N VAL A 61 -0.11 23.77 -20.60
CA VAL A 61 -0.25 22.45 -21.20
C VAL A 61 1.03 21.64 -21.04
N ASN A 62 2.18 22.30 -20.90
CA ASN A 62 3.46 21.63 -20.75
C ASN A 62 3.95 21.64 -19.30
N ALA A 63 3.04 21.80 -18.34
CA ALA A 63 3.44 21.88 -16.94
C ALA A 63 4.13 20.59 -16.50
N GLN A 64 5.25 20.76 -15.78
CA GLN A 64 6.05 19.64 -15.32
C GLN A 64 5.82 19.41 -13.83
N ASP A 65 5.59 18.15 -13.46
CA ASP A 65 5.45 17.79 -12.06
C ASP A 65 6.83 17.69 -11.42
N ASN A 66 6.90 17.12 -10.22
CA ASN A 66 8.17 17.04 -9.51
C ASN A 66 9.21 16.20 -10.24
N TYR A 67 8.79 15.34 -11.16
CA TYR A 67 9.71 14.51 -11.92
C TYR A 67 9.61 14.75 -13.42
N GLY A 68 9.10 15.90 -13.83
CA GLY A 68 9.06 16.27 -15.23
C GLY A 68 7.93 15.68 -16.03
N TRP A 69 6.98 14.99 -15.40
CA TRP A 69 5.85 14.44 -16.12
C TRP A 69 4.87 15.55 -16.49
N THR A 70 4.46 15.58 -17.74
CA THR A 70 3.51 16.54 -18.29
C THR A 70 2.10 15.95 -18.28
N PRO A 71 1.07 16.76 -18.54
CA PRO A 71 -0.27 16.19 -18.70
C PRO A 71 -0.35 15.17 -19.82
N LEU A 72 0.50 15.29 -20.84
CA LEU A 72 0.54 14.30 -21.91
C LEU A 72 0.96 12.93 -21.38
N HIS A 73 1.94 12.89 -20.48
CA HIS A 73 2.34 11.62 -19.88
C HIS A 73 1.18 10.97 -19.14
N LEU A 74 0.50 11.75 -18.28
CA LEU A 74 -0.58 11.21 -17.48
C LEU A 74 -1.79 10.82 -18.33
N ALA A 75 -1.96 11.47 -19.48
CA ALA A 75 -3.03 11.06 -20.39
C ALA A 75 -2.65 9.79 -21.15
N ALA A 76 -1.36 9.64 -21.49
CA ALA A 76 -0.93 8.47 -22.23
C ALA A 76 -0.92 7.22 -21.35
N VAL A 77 -0.63 7.35 -20.06
CA VAL A 77 -0.59 6.17 -19.21
C VAL A 77 -1.97 5.54 -19.03
N ILE A 78 -3.04 6.32 -19.19
CA ILE A 78 -4.39 5.77 -19.12
C ILE A 78 -4.98 5.53 -20.51
N GLY A 79 -4.22 5.78 -21.57
CA GLY A 79 -4.69 5.51 -22.91
C GLY A 79 -5.91 6.29 -23.34
N HIS A 80 -6.05 7.53 -22.87
CA HIS A 80 -7.18 8.37 -23.22
C HIS A 80 -6.86 9.09 -24.52
N LEU A 81 -7.47 8.64 -25.61
CA LEU A 81 -7.19 9.20 -26.93
C LEU A 81 -7.64 10.66 -27.02
N GLU A 82 -8.86 10.95 -26.59
CA GLU A 82 -9.38 12.32 -26.78
C GLU A 82 -8.47 13.32 -26.07
N ILE A 83 -8.16 13.09 -24.81
CA ILE A 83 -7.37 14.09 -24.02
C ILE A 83 -5.98 14.25 -24.66
N VAL A 84 -5.38 13.15 -25.11
CA VAL A 84 -4.07 13.26 -25.82
C VAL A 84 -4.24 14.21 -26.99
N GLU A 85 -5.22 13.95 -27.85
CA GLU A 85 -5.45 14.80 -29.05
C GLU A 85 -5.70 16.25 -28.60
N VAL A 86 -6.50 16.44 -27.56
CA VAL A 86 -6.78 17.82 -27.16
C VAL A 86 -5.50 18.51 -26.69
N LEU A 87 -4.70 17.82 -25.88
CA LEU A 87 -3.44 18.39 -25.42
C LEU A 87 -2.50 18.67 -26.58
N LEU A 88 -2.40 17.72 -27.53
CA LEU A 88 -1.54 17.93 -28.69
C LEU A 88 -2.01 19.12 -29.52
N LYS A 89 -3.32 19.26 -29.70
CA LYS A 89 -3.85 20.41 -30.43
C LYS A 89 -3.69 21.71 -29.65
N HIS A 90 -3.47 21.65 -28.33
CA HIS A 90 -3.31 22.84 -27.52
C HIS A 90 -1.85 23.14 -27.20
N GLY A 91 -0.90 22.48 -27.86
CA GLY A 91 0.50 22.81 -27.74
C GLY A 91 1.34 21.90 -26.87
N ALA A 92 0.81 20.77 -26.42
CA ALA A 92 1.59 19.86 -25.60
C ALA A 92 2.78 19.32 -26.37
N ASP A 93 3.94 19.31 -25.73
CA ASP A 93 5.15 18.79 -26.36
C ASP A 93 5.04 17.28 -26.51
N VAL A 94 5.02 16.80 -27.76
CA VAL A 94 4.85 15.37 -28.01
C VAL A 94 6.07 14.59 -27.56
N ASN A 95 7.26 15.19 -27.63
CA ASN A 95 8.50 14.52 -27.25
C ASN A 95 9.04 15.02 -25.92
N ALA A 96 8.16 15.39 -25.00
CA ALA A 96 8.59 15.89 -23.70
C ALA A 96 9.26 14.78 -22.91
N LYS A 97 10.46 15.05 -22.42
CA LYS A 97 11.22 14.10 -21.63
C LYS A 97 11.11 14.46 -20.15
N ASP A 98 10.87 13.45 -19.32
CA ASP A 98 10.82 13.65 -17.87
C ASP A 98 12.26 13.72 -17.34
N ASN A 99 12.42 13.63 -16.03
CA ASN A 99 13.73 13.75 -15.41
C ASN A 99 14.66 12.60 -15.77
N PHE A 100 14.16 11.53 -16.37
CA PHE A 100 14.96 10.36 -16.67
C PHE A 100 14.74 9.87 -18.10
N GLY A 101 14.39 10.78 -19.01
CA GLY A 101 14.34 10.49 -20.42
C GLY A 101 13.09 9.80 -20.91
N SER A 102 12.10 9.57 -20.06
CA SER A 102 10.89 8.87 -20.47
C SER A 102 9.95 9.84 -21.18
N THR A 103 9.63 9.54 -22.43
CA THR A 103 8.71 10.31 -23.27
C THR A 103 7.32 9.68 -23.24
N PRO A 104 6.30 10.43 -23.66
CA PRO A 104 4.97 9.82 -23.77
C PRO A 104 4.93 8.63 -24.70
N LEU A 105 5.73 8.63 -25.77
CA LEU A 105 5.84 7.46 -26.63
C LEU A 105 6.39 6.27 -25.87
N HIS A 106 7.39 6.50 -25.02
CA HIS A 106 7.95 5.43 -24.20
C HIS A 106 6.88 4.80 -23.32
N LEU A 107 6.11 5.64 -22.62
CA LEU A 107 5.07 5.11 -21.73
C LEU A 107 3.98 4.40 -22.50
N ALA A 108 3.57 4.95 -23.65
CA ALA A 108 2.55 4.29 -24.45
C ALA A 108 3.02 2.93 -24.95
N ALA A 109 4.29 2.84 -25.38
CA ALA A 109 4.82 1.57 -25.86
C ALA A 109 4.94 0.56 -24.72
N ARG A 110 5.38 1.00 -23.55
CA ARG A 110 5.55 0.07 -22.44
C ARG A 110 4.21 -0.42 -21.91
N LEU A 111 3.26 0.49 -21.70
CA LEU A 111 1.97 0.12 -21.13
C LEU A 111 1.07 -0.59 -22.12
N GLY A 112 1.40 -0.59 -23.41
CA GLY A 112 0.62 -1.31 -24.40
C GLY A 112 -0.62 -0.58 -24.86
N HIS A 113 -0.44 0.60 -25.46
CA HIS A 113 -1.54 1.41 -25.97
C HIS A 113 -1.25 1.69 -27.45
N LEU A 114 -1.82 0.86 -28.32
CA LEU A 114 -1.54 0.95 -29.75
C LEU A 114 -2.04 2.26 -30.34
N GLU A 115 -3.27 2.66 -29.98
CA GLU A 115 -3.84 3.89 -30.53
C GLU A 115 -3.05 5.12 -30.09
N ILE A 116 -2.62 5.15 -28.83
CA ILE A 116 -1.84 6.28 -28.34
C ILE A 116 -0.50 6.34 -29.05
N VAL A 117 0.15 5.18 -29.26
CA VAL A 117 1.41 5.15 -30.00
C VAL A 117 1.21 5.69 -31.41
N GLU A 118 0.14 5.24 -32.08
CA GLU A 118 -0.12 5.67 -33.45
C GLU A 118 -0.36 7.17 -33.52
N VAL A 119 -1.13 7.72 -32.57
CA VAL A 119 -1.42 9.14 -32.60
C VAL A 119 -0.17 9.96 -32.29
N LEU A 120 0.64 9.51 -31.33
CA LEU A 120 1.89 10.21 -31.02
C LEU A 120 2.82 10.21 -32.21
N LEU A 121 2.92 9.07 -32.91
CA LEU A 121 3.71 9.02 -34.14
C LEU A 121 3.15 9.96 -35.20
N LYS A 122 1.83 10.03 -35.30
CA LYS A 122 1.20 10.94 -36.25
C LYS A 122 1.50 12.40 -35.93
N HIS A 123 1.69 12.72 -34.64
CA HIS A 123 1.98 14.08 -34.23
C HIS A 123 3.47 14.37 -34.09
N GLY A 124 4.34 13.39 -34.39
CA GLY A 124 5.76 13.64 -34.43
C GLY A 124 6.55 13.11 -33.27
N ALA A 125 6.17 11.95 -32.75
CA ALA A 125 6.92 11.33 -31.67
C ALA A 125 8.27 10.82 -32.17
N ASP A 126 9.30 10.99 -31.35
CA ASP A 126 10.65 10.57 -31.71
C ASP A 126 10.80 9.08 -31.39
N VAL A 127 10.99 8.27 -32.42
CA VAL A 127 11.21 6.84 -32.21
C VAL A 127 12.58 6.60 -31.59
N ASN A 128 13.58 7.36 -32.01
CA ASN A 128 14.96 7.18 -31.56
C ASN A 128 15.22 7.75 -30.17
N ALA A 129 14.19 8.22 -29.47
CA ALA A 129 14.38 8.77 -28.13
C ALA A 129 14.84 7.68 -27.18
N GLN A 130 15.85 8.00 -26.36
CA GLN A 130 16.45 7.06 -25.43
C GLN A 130 16.32 7.60 -24.01
N ASP A 131 15.81 6.77 -23.10
CA ASP A 131 15.69 7.16 -21.71
C ASP A 131 17.06 7.07 -21.03
N LYS A 132 17.09 7.28 -19.71
CA LYS A 132 18.33 7.16 -18.97
C LYS A 132 18.84 5.71 -18.92
N TRP A 133 17.98 4.75 -19.24
CA TRP A 133 18.38 3.35 -19.34
C TRP A 133 18.79 2.95 -20.75
N GLY A 134 18.78 3.89 -21.69
CA GLY A 134 19.21 3.59 -23.05
C GLY A 134 18.25 2.73 -23.84
N GLU A 135 16.95 2.85 -23.58
CA GLU A 135 15.93 2.06 -24.25
C GLU A 135 15.03 2.96 -25.10
N THR A 136 14.93 2.64 -26.38
CA THR A 136 13.96 3.28 -27.26
C THR A 136 12.58 2.67 -27.05
N PRO A 137 11.52 3.38 -27.43
CA PRO A 137 10.17 2.82 -27.25
C PRO A 137 9.98 1.47 -27.92
N PHE A 138 10.70 1.22 -29.01
CA PHE A 138 10.68 -0.13 -29.61
C PHE A 138 11.23 -1.16 -28.63
N ASP A 139 12.29 -0.81 -27.90
CA ASP A 139 12.84 -1.73 -26.91
C ASP A 139 11.84 -2.03 -25.82
N LEU A 140 11.12 -1.01 -25.33
CA LEU A 140 10.09 -1.25 -24.32
C LEU A 140 8.95 -2.11 -24.88
N ALA A 141 8.54 -1.85 -26.11
CA ALA A 141 7.44 -2.61 -26.71
C ALA A 141 7.82 -4.07 -26.88
N ILE A 142 9.02 -4.35 -27.38
CA ILE A 142 9.46 -5.73 -27.53
C ILE A 142 9.80 -6.37 -26.20
N ASP A 143 10.07 -5.54 -25.18
CA ASP A 143 10.36 -6.06 -23.85
C ASP A 143 9.09 -6.54 -23.17
N ASN A 144 8.07 -5.69 -23.12
CA ASN A 144 6.84 -5.96 -22.38
C ASN A 144 5.84 -6.81 -23.15
N GLY A 145 6.28 -7.55 -24.16
CA GLY A 145 5.40 -8.40 -24.92
C GLY A 145 4.53 -7.70 -25.94
N ASN A 146 4.69 -6.38 -26.11
CA ASN A 146 3.87 -5.60 -27.04
C ASN A 146 4.52 -5.65 -28.42
N GLU A 147 4.27 -6.76 -29.12
CA GLU A 147 4.92 -7.00 -30.41
C GLU A 147 4.25 -6.21 -31.54
N ASP A 148 2.92 -6.25 -31.62
CA ASP A 148 2.22 -5.51 -32.67
C ASP A 148 2.46 -4.02 -32.56
N ILE A 149 2.64 -3.53 -31.33
CA ILE A 149 3.02 -2.13 -31.12
C ILE A 149 4.44 -1.89 -31.61
N ALA A 150 5.36 -2.85 -31.35
CA ALA A 150 6.72 -2.73 -31.86
C ALA A 150 6.77 -2.79 -33.38
N GLU A 151 5.75 -3.34 -34.03
CA GLU A 151 5.70 -3.36 -35.48
C GLU A 151 5.61 -1.94 -36.04
N VAL A 152 4.69 -1.13 -35.50
CA VAL A 152 4.54 0.24 -35.98
C VAL A 152 5.78 1.07 -35.65
N LEU A 153 6.36 0.85 -34.46
CA LEU A 153 7.56 1.59 -34.09
C LEU A 153 8.72 1.28 -35.03
N GLN A 154 8.86 0.01 -35.42
CA GLN A 154 9.91 -0.35 -36.37
C GLN A 154 9.63 0.23 -37.75
N LYS A 155 8.36 0.30 -38.16
CA LYS A 155 8.03 0.84 -39.48
C LYS A 155 8.45 2.30 -39.59
N ALA A 156 8.39 3.06 -38.51
CA ALA A 156 8.76 4.47 -38.54
C ALA A 156 10.26 4.68 -38.69
N ALA A 157 11.05 3.60 -38.68
CA ALA A 157 12.50 3.61 -38.94
C ALA A 157 13.23 4.82 -38.37
N GLU B 1 -14.19 -3.24 -21.08
CA GLU B 1 -14.45 -4.59 -20.63
C GLU B 1 -13.16 -5.44 -20.65
N THR B 2 -12.28 -5.13 -21.60
CA THR B 2 -11.04 -5.87 -21.76
C THR B 2 -9.88 -5.28 -20.97
N HIS B 3 -9.94 -3.99 -20.63
CA HIS B 3 -8.86 -3.32 -19.92
C HIS B 3 -9.27 -3.03 -18.49
N ILE B 4 -8.34 -2.47 -17.72
CA ILE B 4 -8.55 -2.22 -16.30
C ILE B 4 -7.82 -0.92 -15.94
N ASN B 5 -8.44 -0.13 -15.08
CA ASN B 5 -7.87 1.09 -14.56
C ASN B 5 -7.47 0.87 -13.10
N LEU B 6 -6.22 1.19 -12.77
CA LEU B 6 -5.67 0.95 -11.44
C LEU B 6 -4.95 2.20 -10.95
N LYS B 7 -5.05 2.46 -9.65
CA LYS B 7 -4.41 3.59 -9.02
C LYS B 7 -3.21 3.10 -8.21
N VAL B 8 -2.05 3.71 -8.43
CA VAL B 8 -0.82 3.38 -7.72
C VAL B 8 -0.46 4.55 -6.83
N SER B 9 -0.37 4.29 -5.54
CA SER B 9 -0.06 5.31 -4.55
C SER B 9 1.02 4.82 -3.61
N ASP B 10 1.96 5.71 -3.28
CA ASP B 10 2.96 5.46 -2.26
C ASP B 10 2.76 6.35 -1.04
N GLY B 11 1.55 6.89 -0.87
CA GLY B 11 1.28 7.89 0.13
C GLY B 11 1.68 9.29 -0.26
N SER B 12 2.48 9.45 -1.30
CA SER B 12 2.95 10.74 -1.78
C SER B 12 2.58 11.01 -3.23
N SER B 13 2.72 10.02 -4.11
CA SER B 13 2.41 10.17 -5.52
C SER B 13 1.38 9.12 -5.91
N GLU B 14 0.21 9.58 -6.37
CA GLU B 14 -0.87 8.72 -6.81
C GLU B 14 -1.11 8.95 -8.30
N ILE B 15 -1.04 7.87 -9.07
CA ILE B 15 -1.13 7.95 -10.52
C ILE B 15 -2.04 6.84 -11.03
N PHE B 16 -2.90 7.18 -11.99
CA PHE B 16 -3.78 6.21 -12.63
C PHE B 16 -3.13 5.61 -13.85
N PHE B 17 -3.31 4.31 -14.03
CA PHE B 17 -2.84 3.57 -15.20
C PHE B 17 -4.00 2.76 -15.77
N LYS B 18 -3.90 2.45 -17.05
CA LYS B 18 -4.87 1.60 -17.74
C LYS B 18 -4.10 0.53 -18.50
N ILE B 19 -4.36 -0.74 -18.19
CA ILE B 19 -3.62 -1.85 -18.77
C ILE B 19 -4.57 -2.98 -19.12
N LYS B 20 -4.10 -3.88 -19.98
CA LYS B 20 -4.83 -5.10 -20.28
C LYS B 20 -4.87 -6.01 -19.05
N LYS B 21 -6.02 -6.64 -18.82
CA LYS B 21 -6.15 -7.58 -17.71
C LYS B 21 -5.40 -8.89 -17.98
N THR B 22 -4.95 -9.12 -19.20
CA THR B 22 -4.23 -10.34 -19.57
C THR B 22 -2.73 -10.13 -19.69
N THR B 23 -2.23 -8.93 -19.35
CA THR B 23 -0.81 -8.63 -19.45
C THR B 23 -0.16 -8.60 -18.08
N PRO B 24 1.13 -8.92 -17.99
CA PRO B 24 1.81 -8.90 -16.69
C PRO B 24 1.80 -7.51 -16.07
N LEU B 25 1.78 -7.48 -14.73
CA LEU B 25 1.81 -6.22 -14.01
C LEU B 25 3.10 -5.44 -14.21
N ARG B 26 4.14 -6.09 -14.74
CA ARG B 26 5.50 -5.53 -14.74
C ARG B 26 5.52 -4.12 -15.32
N ARG B 27 4.87 -3.91 -16.46
CA ARG B 27 4.85 -2.59 -17.08
C ARG B 27 4.39 -1.53 -16.08
N LEU B 28 3.26 -1.78 -15.43
CA LEU B 28 2.73 -0.85 -14.43
C LEU B 28 3.73 -0.65 -13.29
N MET B 29 4.41 -1.72 -12.87
CA MET B 29 5.42 -1.58 -11.84
C MET B 29 6.57 -0.69 -12.32
N GLU B 30 6.98 -0.85 -13.57
CA GLU B 30 8.20 -0.19 -14.02
C GLU B 30 7.95 1.30 -14.29
N ALA B 31 6.90 1.61 -15.05
CA ALA B 31 6.63 3.00 -15.42
C ALA B 31 6.47 3.88 -14.19
N PHE B 32 5.78 3.38 -13.16
CA PHE B 32 5.64 4.14 -11.93
C PHE B 32 7.00 4.35 -11.26
N ALA B 33 7.82 3.30 -11.20
CA ALA B 33 9.11 3.42 -10.53
C ALA B 33 10.09 4.26 -11.34
N LYS B 34 10.19 3.97 -12.64
CA LYS B 34 11.15 4.67 -13.48
C LYS B 34 10.82 6.14 -13.66
N ARG B 35 9.59 6.55 -13.34
CA ARG B 35 9.27 7.98 -13.29
C ARG B 35 10.14 8.68 -12.26
N GLN B 36 10.33 8.05 -11.10
CA GLN B 36 11.20 8.59 -10.06
C GLN B 36 12.66 8.23 -10.26
N GLY B 37 12.99 7.50 -11.33
CA GLY B 37 14.36 7.09 -11.57
C GLY B 37 14.81 5.87 -10.80
N LYS B 38 13.91 5.19 -10.10
CA LYS B 38 14.23 4.01 -9.33
C LYS B 38 13.95 2.75 -10.13
N GLU B 39 14.64 1.67 -9.76
CA GLU B 39 14.34 0.36 -10.32
C GLU B 39 13.06 -0.18 -9.71
N MET B 40 12.40 -1.08 -10.45
CA MET B 40 11.15 -1.66 -9.98
C MET B 40 11.37 -2.47 -8.70
N ASP B 41 12.47 -3.24 -8.65
CA ASP B 41 12.75 -4.07 -7.49
C ASP B 41 13.12 -3.26 -6.24
N SER B 42 13.41 -1.97 -6.39
CA SER B 42 13.66 -1.09 -5.26
C SER B 42 12.37 -0.54 -4.66
N LEU B 43 11.24 -1.16 -4.97
CA LEU B 43 9.93 -0.72 -4.50
C LEU B 43 9.09 -1.97 -4.29
N ARG B 44 8.40 -2.05 -3.15
CA ARG B 44 7.48 -3.14 -2.90
C ARG B 44 6.06 -2.66 -3.21
N PHE B 45 5.32 -3.44 -3.97
CA PHE B 45 3.95 -3.12 -4.37
C PHE B 45 3.01 -4.13 -3.74
N LEU B 46 1.96 -3.64 -3.10
CA LEU B 46 1.02 -4.45 -2.36
C LEU B 46 -0.39 -4.27 -2.92
N TYR B 47 -1.09 -5.39 -3.08
CA TYR B 47 -2.52 -5.41 -3.36
C TYR B 47 -3.20 -6.14 -2.20
N ASP B 48 -4.05 -5.42 -1.47
CA ASP B 48 -4.69 -5.94 -0.26
C ASP B 48 -3.66 -6.41 0.77
N GLY B 49 -2.52 -5.73 0.83
CA GLY B 49 -1.48 -6.06 1.79
C GLY B 49 -0.57 -7.20 1.41
N ILE B 50 -0.57 -7.62 0.15
CA ILE B 50 0.22 -8.77 -0.31
C ILE B 50 1.11 -8.31 -1.45
N ARG B 51 2.39 -8.67 -1.39
CA ARG B 51 3.34 -8.31 -2.44
C ARG B 51 2.88 -8.83 -3.78
N ILE B 52 3.04 -7.99 -4.81
CA ILE B 52 2.68 -8.32 -6.18
C ILE B 52 3.93 -8.78 -6.91
N GLN B 53 3.86 -9.98 -7.49
CA GLN B 53 4.92 -10.44 -8.37
C GLN B 53 4.80 -9.77 -9.73
N ALA B 54 5.95 -9.51 -10.35
CA ALA B 54 5.96 -8.80 -11.62
C ALA B 54 5.24 -9.58 -12.71
N ASP B 55 5.44 -10.91 -12.74
CA ASP B 55 4.83 -11.74 -13.77
C ASP B 55 3.33 -11.90 -13.60
N GLN B 56 2.76 -11.48 -12.47
CA GLN B 56 1.33 -11.63 -12.25
C GLN B 56 0.54 -10.68 -13.15
N THR B 57 -0.71 -11.08 -13.42
CA THR B 57 -1.63 -10.35 -14.28
C THR B 57 -2.83 -9.90 -13.47
N PRO B 58 -3.52 -8.83 -13.90
CA PRO B 58 -4.67 -8.35 -13.09
C PRO B 58 -5.76 -9.38 -12.88
N GLU B 59 -6.02 -10.22 -13.89
CA GLU B 59 -7.03 -11.26 -13.72
C GLU B 59 -6.58 -12.36 -12.78
N ASP B 60 -5.27 -12.51 -12.56
CA ASP B 60 -4.79 -13.47 -11.57
C ASP B 60 -5.10 -13.02 -10.16
N LEU B 61 -5.17 -11.71 -9.93
CA LEU B 61 -5.40 -11.14 -8.61
C LEU B 61 -6.86 -10.72 -8.40
N ASP B 62 -7.74 -11.02 -9.35
CA ASP B 62 -9.16 -10.64 -9.28
C ASP B 62 -9.31 -9.13 -9.09
N MET B 63 -8.47 -8.37 -9.78
CA MET B 63 -8.49 -6.91 -9.67
C MET B 63 -9.77 -6.35 -10.28
N GLU B 64 -10.35 -5.36 -9.61
CA GLU B 64 -11.56 -4.70 -10.07
C GLU B 64 -11.24 -3.28 -10.54
N ASP B 65 -12.26 -2.61 -11.08
CA ASP B 65 -12.07 -1.26 -11.58
C ASP B 65 -11.82 -0.28 -10.44
N ASN B 66 -10.95 0.71 -10.70
CA ASN B 66 -10.57 1.72 -9.72
C ASN B 66 -9.91 1.10 -8.48
N ASP B 67 -9.23 -0.04 -8.68
CA ASP B 67 -8.51 -0.66 -7.57
C ASP B 67 -7.24 0.12 -7.27
N ILE B 68 -6.67 -0.15 -6.09
CA ILE B 68 -5.56 0.61 -5.55
C ILE B 68 -4.38 -0.32 -5.33
N ILE B 69 -3.19 0.11 -5.75
CA ILE B 69 -1.94 -0.62 -5.51
C ILE B 69 -1.06 0.26 -4.64
N GLU B 70 -0.64 -0.25 -3.50
CA GLU B 70 0.20 0.49 -2.57
C GLU B 70 1.67 0.31 -2.95
N ALA B 71 2.43 1.39 -2.85
CA ALA B 71 3.87 1.37 -3.13
C ALA B 71 4.61 1.80 -1.88
N HIS B 72 5.66 1.06 -1.54
CA HIS B 72 6.50 1.38 -0.39
C HIS B 72 7.97 1.28 -0.77
N ARG B 73 8.77 2.20 -0.26
CA ARG B 73 10.22 2.15 -0.48
C ARG B 73 10.82 0.95 0.25
N GLU B 74 11.72 0.25 -0.42
CA GLU B 74 12.39 -0.90 0.15
C GLU B 74 13.63 -0.47 0.94
N GLN B 75 14.20 -1.42 1.66
CA GLN B 75 15.39 -1.19 2.47
C GLN B 75 15.19 -0.05 3.47
N ASP C 1 12.77 -23.95 -1.99
CA ASP C 1 11.59 -24.11 -1.14
C ASP C 1 11.98 -24.48 0.29
N LEU C 2 13.29 -24.47 0.56
CA LEU C 2 13.76 -24.79 1.90
C LEU C 2 13.28 -23.76 2.92
N GLY C 3 13.31 -22.48 2.55
CA GLY C 3 12.83 -21.45 3.45
C GLY C 3 11.31 -21.42 3.55
N LYS C 4 10.61 -21.91 2.53
CA LYS C 4 9.16 -21.88 2.53
C LYS C 4 8.60 -22.75 3.67
N LYS C 5 9.18 -23.93 3.87
CA LYS C 5 8.72 -24.79 4.95
C LYS C 5 9.05 -24.24 6.33
N LEU C 6 9.99 -23.30 6.42
CA LEU C 6 10.37 -22.74 7.71
C LEU C 6 9.24 -21.93 8.33
N LEU C 7 8.58 -21.08 7.53
CA LEU C 7 7.51 -20.26 8.08
C LEU C 7 6.33 -21.11 8.53
N GLU C 8 5.96 -22.12 7.74
CA GLU C 8 4.86 -23.00 8.13
C GLU C 8 5.19 -23.77 9.39
N ALA C 9 6.42 -24.28 9.51
CA ALA C 9 6.79 -25.02 10.71
C ALA C 9 6.73 -24.16 11.96
N ALA C 10 7.23 -22.91 11.85
CA ALA C 10 7.17 -22.00 12.99
C ALA C 10 5.73 -21.61 13.32
N ARG C 11 4.92 -21.35 12.30
CA ARG C 11 3.53 -20.96 12.52
C ARG C 11 2.74 -22.08 13.19
N ALA C 12 2.93 -23.32 12.73
CA ALA C 12 2.24 -24.46 13.34
C ALA C 12 2.88 -24.88 14.66
N GLY C 13 4.18 -24.65 14.81
CA GLY C 13 4.88 -25.02 16.04
C GLY C 13 5.44 -26.43 16.03
N GLN C 14 6.09 -26.80 14.93
CA GLN C 14 6.73 -28.11 14.82
C GLN C 14 8.22 -27.94 15.13
N ASP C 15 8.52 -27.82 16.43
CA ASP C 15 9.87 -27.47 16.87
C ASP C 15 10.92 -28.37 16.25
N ASP C 16 10.65 -29.68 16.18
CA ASP C 16 11.59 -30.59 15.54
C ASP C 16 11.76 -30.26 14.07
N GLU C 17 10.66 -29.96 13.37
CA GLU C 17 10.75 -29.61 11.96
C GLU C 17 11.48 -28.28 11.76
N VAL C 18 11.21 -27.29 12.63
CA VAL C 18 11.92 -26.02 12.53
C VAL C 18 13.42 -26.24 12.71
N ARG C 19 13.80 -27.03 13.72
CA ARG C 19 15.21 -27.28 13.99
C ARG C 19 15.86 -28.03 12.83
N ILE C 20 15.14 -29.00 12.24
CA ILE C 20 15.68 -29.73 11.09
C ILE C 20 15.88 -28.80 9.91
N LEU C 21 14.91 -27.91 9.67
CA LEU C 21 15.04 -26.96 8.56
C LEU C 21 16.23 -26.02 8.77
N MET C 22 16.39 -25.49 9.99
CA MET C 22 17.51 -24.59 10.22
C MET C 22 18.84 -25.32 10.15
N ALA C 23 18.88 -26.59 10.59
CA ALA C 23 20.08 -27.39 10.42
C ALA C 23 20.35 -27.72 8.95
N ASN C 24 19.33 -27.62 8.11
CA ASN C 24 19.49 -27.83 6.67
C ASN C 24 19.82 -26.56 5.91
N GLY C 25 19.97 -25.44 6.61
CA GLY C 25 20.33 -24.18 5.99
C GLY C 25 19.17 -23.27 5.64
N ALA C 26 17.97 -23.53 6.16
CA ALA C 26 16.83 -22.68 5.86
C ALA C 26 17.06 -21.27 6.42
N ASP C 27 16.71 -20.27 5.61
CA ASP C 27 16.95 -18.88 5.99
C ASP C 27 15.94 -18.45 7.05
N VAL C 28 16.45 -18.09 8.23
CA VAL C 28 15.57 -17.66 9.32
C VAL C 28 14.85 -16.37 8.96
N ASN C 29 15.44 -15.55 8.09
CA ASN C 29 14.83 -14.29 7.65
C ASN C 29 13.94 -14.47 6.42
N ALA C 30 13.41 -15.67 6.20
CA ALA C 30 12.52 -15.89 5.07
C ALA C 30 11.26 -15.06 5.22
N GLU C 31 10.74 -14.59 4.09
CA GLU C 31 9.58 -13.71 4.06
C GLU C 31 8.48 -14.32 3.20
N ASP C 32 7.24 -14.11 3.63
CA ASP C 32 6.07 -14.52 2.85
C ASP C 32 5.49 -13.30 2.13
N LEU C 33 4.34 -13.48 1.50
CA LEU C 33 3.69 -12.40 0.77
C LEU C 33 3.24 -11.27 1.68
N ARG C 34 3.09 -11.53 2.97
CA ARG C 34 2.65 -10.53 3.95
C ARG C 34 3.80 -9.85 4.66
N GLY C 35 5.05 -10.18 4.32
CA GLY C 35 6.20 -9.66 5.03
C GLY C 35 6.53 -10.36 6.32
N PHE C 36 5.78 -11.40 6.69
CA PHE C 36 6.00 -12.10 7.94
C PHE C 36 7.23 -13.00 7.85
N THR C 37 8.00 -13.01 8.92
CA THR C 37 9.13 -13.92 9.10
C THR C 37 8.71 -15.07 10.01
N PRO C 38 9.51 -16.14 10.08
CA PRO C 38 9.21 -17.20 11.05
C PRO C 38 9.11 -16.67 12.47
N LEU C 39 9.92 -15.67 12.83
CA LEU C 39 9.80 -15.04 14.14
C LEU C 39 8.44 -14.37 14.30
N HIS C 40 7.97 -13.69 13.25
CA HIS C 40 6.65 -13.06 13.29
C HIS C 40 5.57 -14.06 13.61
N LEU C 41 5.51 -15.16 12.85
CA LEU C 41 4.47 -16.16 13.04
C LEU C 41 4.59 -16.84 14.40
N ALA C 42 5.82 -17.13 14.84
CA ALA C 42 6.01 -17.77 16.13
C ALA C 42 5.55 -16.85 17.27
N ALA C 43 5.89 -15.57 17.20
CA ALA C 43 5.47 -14.64 18.25
C ALA C 43 3.95 -14.45 18.23
N ASN C 44 3.35 -14.35 17.05
CA ASN C 44 1.91 -14.14 16.96
C ASN C 44 1.15 -15.33 17.52
N SER C 45 1.63 -16.55 17.28
CA SER C 45 0.98 -17.76 17.76
C SER C 45 1.34 -18.09 19.20
N GLY C 46 2.16 -17.28 19.86
CA GLY C 46 2.55 -17.55 21.23
C GLY C 46 3.44 -18.78 21.39
N HIS C 47 4.37 -18.99 20.46
CA HIS C 47 5.27 -20.13 20.49
C HIS C 47 6.60 -19.66 21.08
N LEU C 48 6.68 -19.70 22.41
CA LEU C 48 7.84 -19.14 23.11
C LEU C 48 9.12 -19.90 22.76
N GLU C 49 9.06 -21.23 22.72
CA GLU C 49 10.25 -22.02 22.42
C GLU C 49 10.76 -21.73 21.01
N ILE C 50 9.85 -21.65 20.04
CA ILE C 50 10.26 -21.39 18.66
C ILE C 50 10.82 -19.97 18.54
N VAL C 51 10.23 -19.02 19.27
CA VAL C 51 10.75 -17.65 19.27
C VAL C 51 12.18 -17.63 19.80
N GLU C 52 12.41 -18.32 20.92
CA GLU C 52 13.76 -18.34 21.49
C GLU C 52 14.75 -19.02 20.53
N VAL C 53 14.34 -20.12 19.91
CA VAL C 53 15.23 -20.84 19.00
C VAL C 53 15.60 -19.96 17.81
N LEU C 54 14.61 -19.27 17.23
CA LEU C 54 14.89 -18.37 16.13
C LEU C 54 15.80 -17.22 16.57
N LEU C 55 15.57 -16.70 17.78
CA LEU C 55 16.45 -15.69 18.34
C LEU C 55 17.83 -16.29 18.59
N LYS C 56 18.85 -15.43 18.53
CA LYS C 56 20.26 -15.83 18.67
C LYS C 56 20.65 -16.84 17.60
N THR C 57 19.96 -16.81 16.46
CA THR C 57 20.27 -17.66 15.32
C THR C 57 20.16 -16.88 14.01
N GLY C 58 20.35 -15.56 14.06
CA GLY C 58 20.31 -14.72 12.89
C GLY C 58 18.97 -14.09 12.59
N ALA C 59 17.91 -14.44 13.33
CA ALA C 59 16.60 -13.87 13.08
C ALA C 59 16.59 -12.38 13.45
N ASP C 60 16.03 -11.56 12.56
CA ASP C 60 15.94 -10.13 12.83
C ASP C 60 14.85 -9.88 13.86
N VAL C 61 15.24 -9.35 15.02
CA VAL C 61 14.28 -9.06 16.07
C VAL C 61 13.31 -7.97 15.64
N ASN C 62 13.82 -6.93 14.98
CA ASN C 62 13.02 -5.80 14.53
C ASN C 62 12.59 -5.92 13.07
N ALA C 63 12.44 -7.15 12.58
CA ALA C 63 12.00 -7.36 11.21
C ALA C 63 10.59 -6.81 11.02
N GLN C 64 10.36 -6.20 9.87
CA GLN C 64 9.09 -5.52 9.58
C GLN C 64 8.33 -6.26 8.49
N ASP C 65 7.02 -6.39 8.69
CA ASP C 65 6.16 -6.99 7.68
C ASP C 65 5.82 -5.93 6.62
N ASN C 66 4.82 -6.22 5.79
CA ASN C 66 4.45 -5.30 4.72
C ASN C 66 4.06 -3.93 5.25
N TYR C 67 3.51 -3.86 6.47
CA TYR C 67 3.10 -2.61 7.07
C TYR C 67 3.92 -2.23 8.29
N GLY C 68 5.16 -2.73 8.38
CA GLY C 68 6.06 -2.30 9.43
C GLY C 68 5.76 -2.83 10.80
N TRP C 69 5.04 -3.96 10.91
CA TRP C 69 4.76 -4.56 12.21
C TRP C 69 5.90 -5.48 12.59
N THR C 70 6.59 -5.14 13.67
CA THR C 70 7.64 -5.97 14.21
C THR C 70 7.04 -7.16 14.95
N PRO C 71 7.82 -8.21 15.22
CA PRO C 71 7.32 -9.32 16.04
C PRO C 71 6.88 -8.86 17.43
N LEU C 72 7.42 -7.75 17.93
CA LEU C 72 6.95 -7.22 19.20
C LEU C 72 5.49 -6.80 19.12
N HIS C 73 5.07 -6.21 18.00
CA HIS C 73 3.66 -5.87 17.82
C HIS C 73 2.79 -7.12 17.87
N LEU C 74 3.19 -8.17 17.15
CA LEU C 74 2.41 -9.40 17.10
C LEU C 74 2.36 -10.09 18.46
N ALA C 75 3.43 -9.98 19.25
CA ALA C 75 3.40 -10.51 20.61
C ALA C 75 2.48 -9.67 21.50
N ALA C 76 2.49 -8.35 21.31
CA ALA C 76 1.68 -7.47 22.15
C ALA C 76 0.19 -7.67 21.90
N VAL C 77 -0.21 -7.87 20.64
CA VAL C 77 -1.63 -8.00 20.34
C VAL C 77 -2.24 -9.25 20.96
N ILE C 78 -1.42 -10.26 21.28
CA ILE C 78 -1.92 -11.47 21.94
C ILE C 78 -1.62 -11.47 23.43
N GLY C 79 -1.00 -10.41 23.96
CA GLY C 79 -0.77 -10.31 25.39
C GLY C 79 0.15 -11.36 25.96
N HIS C 80 1.16 -11.78 25.20
CA HIS C 80 2.11 -12.80 25.65
C HIS C 80 3.23 -12.10 26.40
N LEU C 81 3.16 -12.12 27.73
CA LEU C 81 4.17 -11.46 28.55
C LEU C 81 5.54 -12.08 28.34
N GLU C 82 5.61 -13.41 28.28
CA GLU C 82 6.90 -14.09 28.15
C GLU C 82 7.58 -13.74 26.82
N ILE C 83 6.83 -13.81 25.72
CA ILE C 83 7.42 -13.53 24.41
C ILE C 83 7.86 -12.08 24.32
N VAL C 84 7.05 -11.15 24.85
CA VAL C 84 7.44 -9.75 24.85
C VAL C 84 8.70 -9.55 25.67
N GLU C 85 8.81 -10.20 26.83
CA GLU C 85 9.99 -10.06 27.66
C GLU C 85 11.23 -10.59 26.94
N VAL C 86 11.12 -11.76 26.31
CA VAL C 86 12.28 -12.32 25.61
C VAL C 86 12.70 -11.45 24.45
N LEU C 87 11.72 -10.96 23.67
CA LEU C 87 12.06 -10.08 22.55
C LEU C 87 12.73 -8.80 23.02
N LEU C 88 12.20 -8.19 24.08
CA LEU C 88 12.79 -6.95 24.60
C LEU C 88 14.19 -7.19 25.12
N LYS C 89 14.41 -8.31 25.82
CA LYS C 89 15.75 -8.65 26.29
C LYS C 89 16.68 -9.03 25.13
N HIS C 90 16.12 -9.35 23.97
CA HIS C 90 16.91 -9.70 22.80
C HIS C 90 17.05 -8.53 21.82
N GLY C 91 16.79 -7.31 22.26
CA GLY C 91 17.02 -6.14 21.45
C GLY C 91 15.84 -5.57 20.70
N ALA C 92 14.62 -5.94 21.07
CA ALA C 92 13.44 -5.40 20.41
C ALA C 92 13.31 -3.91 20.70
N ASP C 93 12.99 -3.14 19.65
CA ASP C 93 12.77 -1.70 19.81
C ASP C 93 11.45 -1.50 20.53
N VAL C 94 11.52 -1.04 21.78
CA VAL C 94 10.32 -0.84 22.59
C VAL C 94 9.42 0.25 22.01
N ASN C 95 9.97 1.16 21.20
CA ASN C 95 9.20 2.25 20.62
C ASN C 95 9.17 2.16 19.10
N ALA C 96 9.19 0.94 18.57
CA ALA C 96 9.13 0.75 17.13
C ALA C 96 7.77 1.20 16.60
N LYS C 97 7.77 1.98 15.54
CA LYS C 97 6.56 2.50 14.93
C LYS C 97 6.31 1.83 13.59
N ASP C 98 5.07 1.44 13.35
CA ASP C 98 4.69 0.81 12.09
C ASP C 98 4.54 1.90 11.02
N ASN C 99 3.97 1.54 9.88
CA ASN C 99 3.83 2.48 8.78
C ASN C 99 2.90 3.64 9.10
N PHE C 100 2.12 3.56 10.18
CA PHE C 100 1.15 4.59 10.53
C PHE C 100 1.26 5.01 11.98
N GLY C 101 2.47 4.94 12.55
CA GLY C 101 2.74 5.50 13.86
C GLY C 101 2.34 4.67 15.04
N SER C 102 1.81 3.47 14.83
CA SER C 102 1.39 2.62 15.95
C SER C 102 2.60 1.93 16.57
N THR C 103 2.75 2.09 17.88
CA THR C 103 3.80 1.48 18.68
C THR C 103 3.24 0.27 19.43
N PRO C 104 4.12 -0.61 19.93
CA PRO C 104 3.62 -1.72 20.76
C PRO C 104 2.86 -1.25 21.99
N LEU C 105 3.24 -0.11 22.57
CA LEU C 105 2.46 0.46 23.66
C LEU C 105 1.07 0.86 23.19
N HIS C 106 0.98 1.44 21.99
CA HIS C 106 -0.32 1.79 21.42
C HIS C 106 -1.22 0.56 21.32
N LEU C 107 -0.69 -0.52 20.76
CA LEU C 107 -1.48 -1.74 20.60
C LEU C 107 -1.85 -2.34 21.95
N ALA C 108 -0.91 -2.39 22.88
CA ALA C 108 -1.18 -3.00 24.18
C ALA C 108 -2.23 -2.19 24.95
N ALA C 109 -2.17 -0.87 24.87
CA ALA C 109 -3.17 -0.04 25.55
C ALA C 109 -4.53 -0.14 24.87
N ARG C 110 -4.56 -0.14 23.54
CA ARG C 110 -5.82 -0.22 22.82
C ARG C 110 -6.53 -1.55 23.08
N LEU C 111 -5.77 -2.65 23.07
CA LEU C 111 -6.36 -3.97 23.25
C LEU C 111 -6.67 -4.29 24.70
N GLY C 112 -6.15 -3.52 25.66
CA GLY C 112 -6.53 -3.68 27.05
C GLY C 112 -5.76 -4.73 27.82
N HIS C 113 -4.44 -4.59 27.90
CA HIS C 113 -3.59 -5.51 28.63
C HIS C 113 -2.80 -4.76 29.68
N LEU C 114 -3.03 -5.09 30.96
CA LEU C 114 -2.25 -4.48 32.03
C LEU C 114 -0.78 -4.87 31.92
N GLU C 115 -0.51 -6.16 31.82
CA GLU C 115 0.79 -6.62 31.38
C GLU C 115 1.00 -6.18 29.93
N ILE C 116 2.16 -6.50 29.38
CA ILE C 116 2.62 -5.93 28.10
C ILE C 116 2.77 -4.43 28.27
N VAL C 117 1.69 -3.73 28.60
CA VAL C 117 1.78 -2.29 28.88
C VAL C 117 2.80 -2.05 29.99
N GLU C 118 2.68 -2.79 31.10
CA GLU C 118 3.59 -2.59 32.22
C GLU C 118 5.04 -2.86 31.84
N VAL C 119 5.29 -3.95 31.11
CA VAL C 119 6.67 -4.32 30.79
C VAL C 119 7.27 -3.35 29.77
N LEU C 120 6.47 -2.88 28.81
CA LEU C 120 6.97 -1.88 27.87
C LEU C 120 7.26 -0.57 28.57
N LEU C 121 6.41 -0.17 29.52
CA LEU C 121 6.71 1.03 30.30
C LEU C 121 7.98 0.86 31.11
N LYS C 122 8.20 -0.34 31.65
CA LYS C 122 9.45 -0.62 32.37
C LYS C 122 10.64 -0.53 31.43
N HIS C 123 10.50 -1.01 30.20
CA HIS C 123 11.59 -1.01 29.23
C HIS C 123 11.74 0.31 28.49
N GLY C 124 10.88 1.30 28.76
CA GLY C 124 11.07 2.62 28.20
C GLY C 124 10.15 2.97 27.06
N ALA C 125 8.90 2.54 27.14
CA ALA C 125 7.92 2.90 26.12
C ALA C 125 7.60 4.40 26.17
N ASP C 126 7.38 4.98 25.00
CA ASP C 126 7.10 6.41 24.89
C ASP C 126 5.61 6.65 25.12
N VAL C 127 5.28 7.22 26.28
CA VAL C 127 3.89 7.54 26.58
C VAL C 127 3.38 8.69 25.72
N ASN C 128 4.28 9.51 25.18
CA ASN C 128 3.89 10.66 24.38
C ASN C 128 3.88 10.37 22.88
N ALA C 129 4.12 9.12 22.48
CA ALA C 129 4.14 8.79 21.07
C ALA C 129 2.74 8.93 20.47
N GLN C 130 2.67 9.56 19.29
CA GLN C 130 1.40 9.81 18.62
C GLN C 130 1.38 9.06 17.29
N ASP C 131 0.28 8.37 17.02
CA ASP C 131 0.13 7.60 15.79
C ASP C 131 -0.23 8.55 14.64
N LYS C 132 -0.57 7.98 13.49
CA LYS C 132 -0.95 8.80 12.33
C LYS C 132 -2.27 9.52 12.55
N TRP C 133 -3.07 9.11 13.53
CA TRP C 133 -4.36 9.73 13.82
C TRP C 133 -4.28 10.71 14.98
N GLY C 134 -3.08 11.11 15.38
CA GLY C 134 -2.94 12.07 16.47
C GLY C 134 -3.43 11.57 17.80
N GLU C 135 -3.13 10.32 18.15
CA GLU C 135 -3.59 9.71 19.39
C GLU C 135 -2.41 9.10 20.12
N THR C 136 -2.32 9.35 21.41
CA THR C 136 -1.34 8.72 22.30
C THR C 136 -1.92 7.44 22.87
N PRO C 137 -1.09 6.59 23.47
CA PRO C 137 -1.65 5.43 24.20
C PRO C 137 -2.61 5.85 25.30
N PHE C 138 -2.40 7.03 25.90
CA PHE C 138 -3.35 7.54 26.88
C PHE C 138 -4.72 7.78 26.26
N ASP C 139 -4.74 8.35 25.04
CA ASP C 139 -6.01 8.56 24.35
C ASP C 139 -6.69 7.24 24.01
N LEU C 140 -5.91 6.24 23.61
CA LEU C 140 -6.48 4.92 23.31
C LEU C 140 -6.90 4.17 24.56
N ALA C 141 -6.36 4.53 25.72
CA ALA C 141 -6.69 3.87 26.97
C ALA C 141 -7.91 4.49 27.65
N ILE C 142 -8.02 5.82 27.61
CA ILE C 142 -9.26 6.45 28.07
C ILE C 142 -10.41 6.07 27.14
N ASP C 143 -10.12 5.93 25.84
CA ASP C 143 -11.03 5.29 24.92
C ASP C 143 -10.97 3.77 25.13
N ASN C 144 -11.89 3.06 24.48
CA ASN C 144 -12.01 1.61 24.55
C ASN C 144 -12.33 1.11 25.96
N GLY C 145 -12.57 2.02 26.91
CA GLY C 145 -12.93 1.64 28.26
C GLY C 145 -11.88 0.87 29.04
N ASN C 146 -10.64 1.34 29.00
CA ASN C 146 -9.54 0.74 29.76
C ASN C 146 -9.16 1.69 30.89
N GLU C 147 -9.86 1.55 32.02
CA GLU C 147 -9.57 2.42 33.16
C GLU C 147 -8.21 2.12 33.76
N ASP C 148 -7.89 0.83 33.94
CA ASP C 148 -6.64 0.45 34.58
C ASP C 148 -5.44 0.94 33.79
N ILE C 149 -5.47 0.76 32.47
CA ILE C 149 -4.36 1.21 31.63
C ILE C 149 -4.27 2.74 31.65
N ALA C 150 -5.41 3.42 31.75
CA ALA C 150 -5.42 4.88 31.68
C ALA C 150 -4.57 5.48 32.80
N GLU C 151 -4.73 4.99 34.03
CA GLU C 151 -3.99 5.58 35.15
C GLU C 151 -2.53 5.12 35.20
N VAL C 152 -2.22 3.93 34.66
CA VAL C 152 -0.84 3.49 34.62
C VAL C 152 -0.03 4.32 33.63
N LEU C 153 -0.68 4.93 32.65
CA LEU C 153 0.01 5.62 31.57
C LEU C 153 0.34 7.06 31.94
N GLN C 154 0.97 7.26 33.10
CA GLN C 154 1.47 8.58 33.48
C GLN C 154 2.99 8.60 33.37
N GLU D 1 -9.93 -18.38 30.59
CA GLU D 1 -11.34 -18.31 30.94
C GLU D 1 -11.88 -16.89 30.77
N THR D 2 -11.16 -15.91 31.33
CA THR D 2 -11.55 -14.51 31.25
C THR D 2 -11.05 -13.82 30.00
N HIS D 3 -10.26 -14.49 29.18
CA HIS D 3 -9.74 -13.93 27.95
C HIS D 3 -10.00 -14.88 26.80
N ILE D 4 -10.03 -14.32 25.59
CA ILE D 4 -10.37 -15.06 24.38
C ILE D 4 -9.34 -14.74 23.31
N ASN D 5 -8.93 -15.78 22.56
CA ASN D 5 -8.03 -15.63 21.43
C ASN D 5 -8.84 -15.78 20.14
N LEU D 6 -8.71 -14.80 19.26
CA LEU D 6 -9.45 -14.77 18.00
C LEU D 6 -8.47 -14.58 16.84
N LYS D 7 -8.86 -15.05 15.67
CA LYS D 7 -8.08 -14.89 14.45
C LYS D 7 -8.85 -13.98 13.49
N VAL D 8 -8.23 -12.87 13.11
CA VAL D 8 -8.81 -11.94 12.14
C VAL D 8 -8.11 -12.17 10.81
N SER D 9 -8.88 -12.52 9.78
CA SER D 9 -8.34 -12.84 8.47
C SER D 9 -9.18 -12.16 7.40
N ASP D 10 -8.52 -11.57 6.42
CA ASP D 10 -9.17 -11.06 5.23
C ASP D 10 -9.10 -12.04 4.06
N GLY D 11 -8.85 -13.31 4.35
CA GLY D 11 -8.65 -14.31 3.33
C GLY D 11 -7.26 -14.35 2.76
N SER D 12 -6.42 -13.38 3.06
CA SER D 12 -5.05 -13.31 2.57
C SER D 12 -4.03 -13.10 3.69
N SER D 13 -4.38 -12.33 4.72
CA SER D 13 -3.50 -12.10 5.86
C SER D 13 -4.28 -12.36 7.14
N GLU D 14 -3.70 -13.14 8.04
CA GLU D 14 -4.34 -13.52 9.28
C GLU D 14 -3.48 -13.11 10.47
N ILE D 15 -4.13 -12.58 11.50
CA ILE D 15 -3.44 -12.14 12.72
C ILE D 15 -4.26 -12.56 13.93
N PHE D 16 -3.58 -13.09 14.95
CA PHE D 16 -4.21 -13.49 16.20
C PHE D 16 -4.26 -12.32 17.18
N PHE D 17 -5.32 -12.28 17.98
CA PHE D 17 -5.51 -11.28 19.02
C PHE D 17 -6.02 -11.96 20.28
N LYS D 18 -5.72 -11.34 21.42
CA LYS D 18 -6.27 -11.75 22.70
C LYS D 18 -6.99 -10.57 23.33
N ILE D 19 -8.24 -10.78 23.75
CA ILE D 19 -9.05 -9.71 24.32
C ILE D 19 -9.95 -10.28 25.41
N LYS D 20 -10.38 -9.40 26.32
CA LYS D 20 -11.33 -9.81 27.34
C LYS D 20 -12.67 -10.14 26.72
N LYS D 21 -13.32 -11.18 27.25
CA LYS D 21 -14.61 -11.60 26.70
C LYS D 21 -15.70 -10.57 26.93
N THR D 22 -15.55 -9.74 27.97
CA THR D 22 -16.55 -8.74 28.31
C THR D 22 -16.29 -7.38 27.67
N THR D 23 -15.26 -7.27 26.82
CA THR D 23 -14.92 -6.01 26.18
C THR D 23 -15.37 -6.01 24.73
N PRO D 24 -15.72 -4.85 24.18
CA PRO D 24 -16.21 -4.81 22.79
C PRO D 24 -15.13 -5.22 21.80
N LEU D 25 -15.58 -5.79 20.67
CA LEU D 25 -14.67 -6.19 19.60
C LEU D 25 -13.94 -5.01 18.96
N ARG D 26 -14.40 -3.78 19.20
CA ARG D 26 -13.91 -2.62 18.46
C ARG D 26 -12.39 -2.52 18.52
N ARG D 27 -11.81 -2.66 19.72
CA ARG D 27 -10.37 -2.59 19.88
C ARG D 27 -9.64 -3.55 18.95
N LEU D 28 -10.18 -4.77 18.79
CA LEU D 28 -9.58 -5.73 17.88
C LEU D 28 -9.69 -5.26 16.43
N MET D 29 -10.84 -4.72 16.03
CA MET D 29 -11.04 -4.36 14.63
C MET D 29 -10.18 -3.17 14.23
N GLU D 30 -10.20 -2.11 15.05
CA GLU D 30 -9.40 -0.93 14.76
C GLU D 30 -7.94 -1.30 14.57
N ALA D 31 -7.39 -2.05 15.53
CA ALA D 31 -5.99 -2.48 15.42
C ALA D 31 -5.74 -3.24 14.14
N PHE D 32 -6.71 -4.02 13.68
CA PHE D 32 -6.54 -4.73 12.41
C PHE D 32 -6.60 -3.75 11.24
N ALA D 33 -7.54 -2.81 11.28
CA ALA D 33 -7.67 -1.87 10.17
C ALA D 33 -6.55 -0.84 10.17
N LYS D 34 -6.29 -0.23 11.32
CA LYS D 34 -5.28 0.82 11.42
C LYS D 34 -3.87 0.30 11.18
N ARG D 35 -3.66 -1.03 11.22
CA ARG D 35 -2.38 -1.58 10.81
C ARG D 35 -2.12 -1.30 9.34
N GLN D 36 -3.16 -1.40 8.51
CA GLN D 36 -3.05 -1.13 7.09
C GLN D 36 -3.34 0.32 6.74
N GLY D 37 -3.56 1.17 7.74
CA GLY D 37 -3.88 2.57 7.52
C GLY D 37 -5.33 2.84 7.18
N LYS D 38 -6.19 1.82 7.18
CA LYS D 38 -7.60 1.99 6.90
C LYS D 38 -8.37 2.28 8.17
N GLU D 39 -9.49 2.97 8.02
CA GLU D 39 -10.39 3.20 9.14
C GLU D 39 -11.16 1.92 9.46
N MET D 40 -11.66 1.86 10.70
CA MET D 40 -12.38 0.67 11.14
C MET D 40 -13.62 0.42 10.29
N ASP D 41 -14.39 1.47 10.02
CA ASP D 41 -15.63 1.33 9.27
C ASP D 41 -15.39 1.08 7.78
N SER D 42 -14.15 1.25 7.30
CA SER D 42 -13.81 0.90 5.93
C SER D 42 -13.69 -0.60 5.72
N LEU D 43 -13.87 -1.40 6.77
CA LEU D 43 -13.81 -2.84 6.70
C LEU D 43 -15.10 -3.42 7.25
N ARG D 44 -15.48 -4.59 6.73
CA ARG D 44 -16.65 -5.33 7.19
C ARG D 44 -16.17 -6.60 7.87
N PHE D 45 -16.57 -6.80 9.11
CA PHE D 45 -16.13 -7.93 9.93
C PHE D 45 -17.30 -8.90 10.11
N LEU D 46 -17.06 -10.17 9.78
CA LEU D 46 -18.08 -11.19 9.77
C LEU D 46 -17.72 -12.32 10.72
N TYR D 47 -18.72 -12.81 11.46
CA TYR D 47 -18.59 -14.00 12.28
C TYR D 47 -19.77 -14.90 11.96
N ASP D 48 -19.50 -16.06 11.34
CA ASP D 48 -20.52 -16.93 10.81
C ASP D 48 -21.41 -16.20 9.80
N GLY D 49 -20.78 -15.31 9.01
CA GLY D 49 -21.49 -14.54 8.02
C GLY D 49 -22.31 -13.40 8.56
N ILE D 50 -22.11 -13.01 9.82
CA ILE D 50 -22.89 -11.95 10.47
C ILE D 50 -21.98 -10.77 10.73
N ARG D 51 -22.43 -9.59 10.32
CA ARG D 51 -21.64 -8.38 10.50
C ARG D 51 -21.54 -8.04 11.99
N ILE D 52 -20.33 -7.77 12.46
CA ILE D 52 -20.07 -7.48 13.86
C ILE D 52 -20.19 -5.98 14.09
N GLN D 53 -20.89 -5.60 15.16
CA GLN D 53 -20.99 -4.21 15.56
C GLN D 53 -19.87 -3.86 16.54
N ALA D 54 -19.52 -2.58 16.57
CA ALA D 54 -18.40 -2.14 17.41
C ALA D 54 -18.69 -2.36 18.89
N ASP D 55 -19.91 -2.05 19.33
CA ASP D 55 -20.26 -2.18 20.74
C ASP D 55 -20.42 -3.62 21.19
N GLN D 56 -20.46 -4.57 20.26
CA GLN D 56 -20.63 -5.97 20.63
C GLN D 56 -19.36 -6.54 21.24
N THR D 57 -19.53 -7.43 22.21
CA THR D 57 -18.46 -8.14 22.89
C THR D 57 -18.48 -9.62 22.54
N PRO D 58 -17.36 -10.34 22.69
CA PRO D 58 -17.38 -11.77 22.35
C PRO D 58 -18.44 -12.57 23.09
N GLU D 59 -18.67 -12.27 24.38
CA GLU D 59 -19.72 -12.95 25.11
C GLU D 59 -21.10 -12.61 24.56
N ASP D 60 -21.25 -11.42 23.96
CA ASP D 60 -22.48 -11.08 23.27
C ASP D 60 -22.67 -11.91 22.00
N LEU D 61 -21.59 -12.46 21.45
CA LEU D 61 -21.64 -13.26 20.24
C LEU D 61 -21.40 -14.74 20.49
N ASP D 62 -21.24 -15.15 21.75
CA ASP D 62 -20.98 -16.54 22.12
C ASP D 62 -19.73 -17.07 21.41
N MET D 63 -18.68 -16.26 21.38
CA MET D 63 -17.44 -16.66 20.73
C MET D 63 -16.69 -17.68 21.57
N GLU D 64 -15.93 -18.53 20.90
CA GLU D 64 -15.14 -19.58 21.54
C GLU D 64 -13.68 -19.42 21.16
N ASP D 65 -12.84 -20.30 21.70
CA ASP D 65 -11.40 -20.22 21.49
C ASP D 65 -11.05 -20.50 20.03
N ASN D 66 -10.05 -19.77 19.53
CA ASN D 66 -9.53 -19.93 18.17
C ASN D 66 -10.60 -19.66 17.12
N ASP D 67 -11.59 -18.84 17.45
CA ASP D 67 -12.61 -18.47 16.48
C ASP D 67 -12.03 -17.54 15.42
N ILE D 68 -12.65 -17.55 14.25
CA ILE D 68 -12.17 -16.82 13.08
C ILE D 68 -13.15 -15.69 12.78
N ILE D 69 -12.62 -14.47 12.64
CA ILE D 69 -13.40 -13.32 12.22
C ILE D 69 -12.93 -12.94 10.82
N GLU D 70 -13.82 -13.03 9.84
CA GLU D 70 -13.47 -12.71 8.47
C GLU D 70 -13.52 -11.21 8.23
N ALA D 71 -12.53 -10.71 7.49
CA ALA D 71 -12.46 -9.30 7.15
C ALA D 71 -12.64 -9.13 5.64
N HIS D 72 -13.50 -8.20 5.25
CA HIS D 72 -13.76 -7.93 3.84
C HIS D 72 -13.67 -6.43 3.59
N ARG D 73 -13.02 -6.07 2.48
CA ARG D 73 -12.93 -4.67 2.10
C ARG D 73 -14.29 -4.19 1.60
N GLU D 74 -14.74 -3.05 2.12
CA GLU D 74 -16.01 -2.45 1.71
C GLU D 74 -15.71 -1.41 0.63
N GLN D 75 -15.75 -1.85 -0.62
CA GLN D 75 -15.47 -0.96 -1.75
C GLN D 75 -16.67 -0.08 -2.05
#